data_8UZL
#
_entry.id   8UZL
#
_cell.length_a   55.628
_cell.length_b   52.552
_cell.length_c   100.050
_cell.angle_alpha   90.000
_cell.angle_beta   93.675
_cell.angle_gamma   90.000
#
_symmetry.space_group_name_H-M   'P 1 21 1'
#
loop_
_entity.id
_entity.type
_entity.pdbx_description
1 polymer 'Designed Transmembrane beta-barrel TMB10_163'
2 non-polymer HEXANE-1,6-DIOL
3 water water
#
_entity_poly.entity_id   1
_entity_poly.type   'polypeptide(L)'
_entity_poly.pdbx_seq_one_letter_code
;RTSPGTKPYVKVRWNTDNTVAVAFGAETDYKLAPYLKTGVATETEYNNSSLVKTGTEVKTAYRLGPNAALETVVRYNTDN
TFGVEVAIEYRLEPDLSVAPGTRWNNSSLLAPYIKIKYKLGPDLDVVTTIAYNTDNTVGIETKVAYKTD
;
_entity_poly.pdbx_strand_id   A,B,C,D
#
# COMPACT_ATOMS: atom_id res chain seq x y z
N GLY A 5 1.29 12.52 -2.91
CA GLY A 5 1.93 11.30 -3.38
C GLY A 5 2.94 11.54 -4.49
N THR A 6 2.49 12.18 -5.57
CA THR A 6 3.33 12.45 -6.72
C THR A 6 3.94 13.84 -6.56
N LYS A 7 5.26 13.89 -6.35
CA LYS A 7 5.95 15.16 -6.15
C LYS A 7 6.81 15.47 -7.36
N PRO A 8 6.65 16.62 -8.01
CA PRO A 8 7.64 17.03 -9.01
C PRO A 8 8.90 17.53 -8.34
N TYR A 9 10.05 17.20 -8.95
CA TYR A 9 11.32 17.59 -8.38
C TYR A 9 12.28 18.00 -9.48
N VAL A 10 13.37 18.66 -9.07
CA VAL A 10 14.45 19.07 -9.98
C VAL A 10 15.77 18.77 -9.30
N LYS A 11 16.67 18.11 -10.02
CA LYS A 11 18.01 17.81 -9.53
C LYS A 11 19.02 18.72 -10.20
N VAL A 12 20.03 19.13 -9.43
CA VAL A 12 21.13 19.95 -9.93
C VAL A 12 22.42 19.36 -9.39
N ARG A 13 23.29 18.87 -10.28
CA ARG A 13 24.49 18.17 -9.89
C ARG A 13 25.72 18.85 -10.48
N TRP A 14 26.79 18.89 -9.70
CA TRP A 14 28.09 19.38 -10.14
C TRP A 14 29.17 18.40 -9.68
N ASN A 15 30.20 18.23 -10.51
CA ASN A 15 31.28 17.33 -10.23
C ASN A 15 32.62 18.06 -10.28
N THR A 16 33.61 17.49 -9.59
CA THR A 16 34.90 18.17 -9.44
C THR A 16 35.62 18.35 -10.77
N ASP A 17 35.23 17.62 -11.81
CA ASP A 17 35.75 17.85 -13.15
C ASP A 17 34.90 18.84 -13.95
N ASN A 18 34.10 19.65 -13.25
CA ASN A 18 33.26 20.70 -13.85
C ASN A 18 32.20 20.13 -14.79
N THR A 19 31.85 18.86 -14.63
CA THR A 19 30.71 18.29 -15.35
C THR A 19 29.45 18.52 -14.52
N VAL A 20 28.44 19.14 -15.14
CA VAL A 20 27.21 19.50 -14.46
C VAL A 20 26.04 18.82 -15.16
N ALA A 21 24.92 18.74 -14.44
CA ALA A 21 23.71 18.12 -14.95
C ALA A 21 22.50 18.70 -14.25
N VAL A 22 21.40 18.85 -14.99
CA VAL A 22 20.13 19.30 -14.46
C VAL A 22 19.06 18.29 -14.86
N ALA A 23 18.22 17.90 -13.92
CA ALA A 23 17.22 16.87 -14.15
C ALA A 23 15.83 17.36 -13.77
N PHE A 24 14.82 16.82 -14.44
CA PHE A 24 13.43 17.13 -14.18
C PHE A 24 12.64 15.82 -14.11
N GLY A 25 11.92 15.61 -13.02
CA GLY A 25 11.17 14.38 -12.89
C GLY A 25 10.10 14.47 -11.82
N ALA A 26 9.38 13.37 -11.66
CA ALA A 26 8.35 13.24 -10.66
C ALA A 26 8.58 11.94 -9.88
N GLU A 27 8.10 11.91 -8.65
CA GLU A 27 8.27 10.74 -7.79
C GLU A 27 6.96 10.47 -7.06
N THR A 28 6.48 9.23 -7.17
CA THR A 28 5.26 8.78 -6.50
C THR A 28 5.64 7.74 -5.46
N ASP A 29 5.37 8.04 -4.20
CA ASP A 29 5.74 7.18 -3.08
C ASP A 29 4.50 6.57 -2.45
N TYR A 30 4.57 5.28 -2.15
CA TYR A 30 3.49 4.54 -1.51
C TYR A 30 3.96 3.97 -0.19
N LYS A 31 3.00 3.61 0.66
CA LYS A 31 3.28 2.99 1.95
C LYS A 31 2.69 1.59 1.93
N LEU A 32 3.52 0.58 1.66
CA LEU A 32 3.05 -0.79 1.57
C LEU A 32 2.79 -1.39 2.94
N ALA A 33 3.60 -1.05 3.93
CA ALA A 33 3.46 -1.52 5.29
C ALA A 33 3.68 -0.35 6.23
N PRO A 34 3.20 -0.45 7.48
CA PRO A 34 3.40 0.66 8.42
C PRO A 34 4.86 1.01 8.66
N TYR A 35 5.79 0.09 8.40
CA TYR A 35 7.22 0.35 8.54
C TYR A 35 7.96 0.19 7.22
N LEU A 36 7.24 0.23 6.09
CA LEU A 36 7.83 0.01 4.78
C LEU A 36 7.21 0.99 3.79
N LYS A 37 8.07 1.72 3.08
CA LYS A 37 7.65 2.72 2.12
C LYS A 37 8.36 2.49 0.80
N THR A 38 7.61 2.51 -0.30
CA THR A 38 8.15 2.30 -1.63
C THR A 38 7.97 3.55 -2.48
N GLY A 39 8.82 3.68 -3.49
CA GLY A 39 8.76 4.83 -4.37
C GLY A 39 9.29 4.57 -5.76
N VAL A 40 8.64 5.14 -6.77
CA VAL A 40 9.03 5.01 -8.16
C VAL A 40 9.17 6.41 -8.75
N ALA A 41 10.26 6.64 -9.49
CA ALA A 41 10.53 7.95 -10.05
C ALA A 41 11.09 7.79 -11.46
N THR A 42 10.87 8.84 -12.27
CA THR A 42 11.42 8.94 -13.61
C THR A 42 11.83 10.38 -13.85
N GLU A 43 12.93 10.58 -14.59
CA GLU A 43 13.49 11.91 -14.76
C GLU A 43 14.16 12.02 -16.11
N THR A 44 14.25 13.26 -16.59
CA THR A 44 14.98 13.60 -17.81
C THR A 44 16.15 14.49 -17.42
N GLU A 45 17.36 14.06 -17.76
CA GLU A 45 18.59 14.71 -17.31
C GLU A 45 19.35 15.26 -18.50
N TYR A 46 19.82 16.50 -18.37
CA TYR A 46 20.65 17.15 -19.39
C TYR A 46 22.04 17.36 -18.81
N ASN A 47 23.06 16.84 -19.50
CA ASN A 47 24.39 16.75 -18.96
C ASN A 47 25.38 17.58 -19.77
N ASN A 48 26.52 17.85 -19.15
CA ASN A 48 27.59 18.57 -19.81
C ASN A 48 28.21 17.76 -20.93
N SER A 49 28.37 16.45 -20.71
CA SER A 49 29.15 15.60 -21.60
C SER A 49 28.31 14.69 -22.48
N SER A 50 27.18 14.19 -21.98
CA SER A 50 26.38 13.21 -22.70
C SER A 50 25.01 13.74 -23.12
N LEU A 51 24.87 15.07 -23.18
CA LEU A 51 23.63 15.73 -23.61
C LEU A 51 22.44 15.30 -22.77
N VAL A 52 21.57 14.46 -23.33
CA VAL A 52 20.30 14.12 -22.70
C VAL A 52 20.34 12.67 -22.22
N LYS A 53 19.65 12.42 -21.11
CA LYS A 53 19.55 11.09 -20.53
C LYS A 53 18.22 10.98 -19.81
N THR A 54 17.64 9.79 -19.85
CA THR A 54 16.41 9.47 -19.15
C THR A 54 16.66 8.34 -18.16
N GLY A 55 16.30 8.57 -16.91
CA GLY A 55 16.53 7.59 -15.85
C GLY A 55 15.24 7.23 -15.13
N THR A 56 15.11 5.95 -14.79
CA THR A 56 13.99 5.43 -14.03
C THR A 56 14.52 4.72 -12.79
N GLU A 57 14.03 5.10 -11.63
CA GLU A 57 14.54 4.56 -10.37
C GLU A 57 13.38 4.14 -9.48
N VAL A 58 13.63 3.13 -8.66
CA VAL A 58 12.69 2.67 -7.65
C VAL A 58 13.37 2.79 -6.29
N LYS A 59 12.66 3.32 -5.30
CA LYS A 59 13.20 3.53 -3.97
C LYS A 59 12.39 2.74 -2.95
N THR A 60 12.99 2.53 -1.78
CA THR A 60 12.32 1.84 -0.70
C THR A 60 12.97 2.24 0.62
N ALA A 61 12.13 2.39 1.66
CA ALA A 61 12.61 2.66 3.01
C ALA A 61 11.95 1.66 3.97
N TYR A 62 12.77 0.99 4.78
CA TYR A 62 12.30 0.01 5.74
C TYR A 62 12.79 0.40 7.13
N ARG A 63 11.85 0.60 8.05
CA ARG A 63 12.19 0.99 9.41
C ARG A 63 13.00 -0.09 10.11
N LEU A 64 14.19 0.27 10.58
CA LEU A 64 15.01 -0.62 11.38
C LEU A 64 14.86 -0.40 12.87
N GLY A 65 14.59 0.83 13.28
CA GLY A 65 14.39 1.16 14.67
C GLY A 65 13.50 2.38 14.83
N PRO A 66 13.60 3.05 15.98
CA PRO A 66 12.80 4.27 16.17
C PRO A 66 13.16 5.39 15.21
N ASN A 67 14.44 5.61 14.94
CA ASN A 67 14.90 6.69 14.08
C ASN A 67 15.89 6.22 13.04
N ALA A 68 15.83 4.94 12.66
CA ALA A 68 16.71 4.37 11.65
C ALA A 68 15.89 3.64 10.60
N ALA A 69 16.30 3.78 9.34
CA ALA A 69 15.60 3.14 8.24
C ALA A 69 16.60 2.74 7.17
N LEU A 70 16.41 1.54 6.62
CA LEU A 70 17.22 1.06 5.52
C LEU A 70 16.63 1.56 4.20
N GLU A 71 17.45 2.25 3.41
CA GLU A 71 17.02 2.82 2.15
C GLU A 71 17.76 2.13 1.00
N THR A 72 17.00 1.76 -0.04
CA THR A 72 17.57 1.16 -1.24
C THR A 72 17.03 1.88 -2.46
N VAL A 73 17.89 2.13 -3.43
CA VAL A 73 17.53 2.80 -4.68
C VAL A 73 18.14 2.01 -5.83
N VAL A 74 17.29 1.59 -6.77
CA VAL A 74 17.73 0.90 -7.98
C VAL A 74 17.40 1.81 -9.15
N ARG A 75 18.41 2.13 -9.97
CA ARG A 75 18.26 3.07 -11.06
C ARG A 75 18.86 2.50 -12.33
N TYR A 76 18.18 2.69 -13.46
CA TYR A 76 18.67 2.33 -14.77
C TYR A 76 18.44 3.51 -15.71
N ASN A 77 19.44 3.81 -16.53
CA ASN A 77 19.40 4.95 -17.44
C ASN A 77 19.41 4.50 -18.89
N THR A 78 18.98 5.40 -19.77
CA THR A 78 18.88 5.08 -21.19
C THR A 78 20.24 4.85 -21.84
N ASP A 79 21.32 5.39 -21.26
CA ASP A 79 22.66 5.07 -21.75
C ASP A 79 23.18 3.74 -21.22
N ASN A 80 22.28 2.86 -20.78
CA ASN A 80 22.61 1.51 -20.32
C ASN A 80 23.54 1.54 -19.10
N THR A 81 23.48 2.62 -18.32
CA THR A 81 24.19 2.71 -17.05
C THR A 81 23.19 2.50 -15.92
N PHE A 82 23.56 1.67 -14.95
CA PHE A 82 22.71 1.37 -13.81
C PHE A 82 23.51 1.44 -12.53
N GLY A 83 22.81 1.37 -11.40
CA GLY A 83 23.45 1.44 -10.11
C GLY A 83 22.47 1.06 -9.01
N VAL A 84 23.03 0.81 -7.83
CA VAL A 84 22.27 0.41 -6.66
C VAL A 84 22.79 1.19 -5.47
N GLU A 85 21.93 1.98 -4.83
CA GLU A 85 22.30 2.80 -3.69
C GLU A 85 21.66 2.21 -2.45
N VAL A 86 22.49 1.77 -1.50
CA VAL A 86 22.02 1.19 -0.25
C VAL A 86 22.57 2.04 0.90
N ALA A 87 21.66 2.63 1.67
CA ALA A 87 22.03 3.50 2.78
C ALA A 87 21.13 3.24 3.96
N ILE A 88 21.61 3.64 5.15
CA ILE A 88 20.85 3.60 6.38
C ILE A 88 20.55 5.04 6.76
N GLU A 89 19.28 5.40 6.75
CA GLU A 89 18.85 6.77 7.04
C GLU A 89 18.60 6.91 8.54
N TYR A 90 19.28 7.89 9.15
CA TYR A 90 19.11 8.19 10.57
C TYR A 90 18.39 9.52 10.70
N ARG A 91 17.24 9.51 11.38
CA ARG A 91 16.48 10.73 11.60
C ARG A 91 17.03 11.45 12.83
N LEU A 92 17.65 12.61 12.61
CA LEU A 92 18.21 13.38 13.71
C LEU A 92 17.13 14.24 14.38
N GLU A 93 16.37 14.96 13.58
CA GLU A 93 15.33 15.87 14.03
C GLU A 93 14.06 15.60 13.23
N PRO A 94 12.92 16.15 13.66
CA PRO A 94 11.68 15.95 12.89
C PRO A 94 11.78 16.31 11.41
N ASP A 95 12.62 17.30 11.06
CA ASP A 95 12.77 17.71 9.68
C ASP A 95 14.23 17.62 9.22
N LEU A 96 14.98 16.65 9.77
CA LEU A 96 16.38 16.49 9.42
C LEU A 96 16.77 15.02 9.55
N SER A 97 17.43 14.49 8.52
CA SER A 97 17.91 13.13 8.54
C SER A 97 19.16 13.03 7.66
N VAL A 98 20.06 12.11 8.04
CA VAL A 98 21.26 11.82 7.28
C VAL A 98 21.24 10.35 6.90
N ALA A 99 21.84 10.04 5.74
CA ALA A 99 21.81 8.68 5.20
C ALA A 99 23.12 8.40 4.48
N PRO A 100 24.15 7.96 5.21
CA PRO A 100 25.37 7.51 4.55
C PRO A 100 25.18 6.13 3.94
N GLY A 101 25.68 5.97 2.72
CA GLY A 101 25.52 4.70 2.02
C GLY A 101 26.60 4.42 0.99
N THR A 102 26.33 3.48 0.10
CA THR A 102 27.29 3.10 -0.93
C THR A 102 26.55 2.72 -2.20
N ARG A 103 27.15 3.05 -3.33
CA ARG A 103 26.58 2.78 -4.65
C ARG A 103 27.24 1.56 -5.26
N TRP A 104 26.44 0.61 -5.73
CA TRP A 104 26.92 -0.62 -6.32
C TRP A 104 26.68 -0.61 -7.83
N ASN A 105 27.56 -1.30 -8.55
CA ASN A 105 27.43 -1.46 -9.99
C ASN A 105 28.06 -2.79 -10.40
N ASN A 106 27.65 -3.29 -11.57
CA ASN A 106 28.28 -4.51 -12.09
C ASN A 106 29.75 -4.28 -12.41
N SER A 107 30.14 -3.03 -12.67
CA SER A 107 31.55 -2.67 -12.80
C SER A 107 32.27 -2.65 -11.46
N SER A 108 31.59 -3.00 -10.37
CA SER A 108 32.15 -3.08 -9.02
C SER A 108 32.63 -1.69 -8.61
N LEU A 109 33.67 -1.64 -7.77
CA LEU A 109 34.15 -0.40 -7.17
C LEU A 109 33.00 0.33 -6.47
N LEU A 110 32.67 -0.13 -5.26
CA LEU A 110 31.61 0.49 -4.48
C LEU A 110 31.94 1.95 -4.21
N ALA A 111 30.97 2.83 -4.46
CA ALA A 111 31.17 4.27 -4.34
C ALA A 111 30.45 4.78 -3.10
N PRO A 112 31.17 5.31 -2.11
CA PRO A 112 30.50 5.83 -0.91
C PRO A 112 29.82 7.16 -1.19
N TYR A 113 28.71 7.39 -0.47
CA TYR A 113 27.98 8.65 -0.60
C TYR A 113 27.27 8.94 0.71
N ILE A 114 26.68 10.12 0.78
CA ILE A 114 25.89 10.55 1.93
C ILE A 114 24.77 11.44 1.44
N LYS A 115 23.58 11.28 2.01
CA LYS A 115 22.44 12.11 1.72
C LYS A 115 22.02 12.88 2.97
N ILE A 116 21.65 14.14 2.78
CA ILE A 116 21.14 14.99 3.86
C ILE A 116 19.74 15.41 3.45
N LYS A 117 18.74 14.91 4.17
CA LYS A 117 17.33 15.18 3.88
C LYS A 117 16.79 16.16 4.89
N TYR A 118 16.43 17.36 4.43
CA TYR A 118 15.87 18.40 5.28
C TYR A 118 14.71 19.07 4.56
N LYS A 119 13.90 19.79 5.32
CA LYS A 119 12.68 20.41 4.82
C LYS A 119 12.81 21.91 4.94
N LEU A 120 12.96 22.58 3.79
CA LEU A 120 13.05 24.05 3.74
C LEU A 120 11.63 24.61 3.67
N GLY A 121 11.03 24.82 4.82
CA GLY A 121 9.67 25.29 4.89
C GLY A 121 8.68 24.14 4.89
N PRO A 122 7.38 24.46 4.83
CA PRO A 122 6.37 23.41 4.92
C PRO A 122 6.18 22.65 3.61
N ASP A 123 6.37 23.31 2.47
CA ASP A 123 6.03 22.74 1.17
C ASP A 123 7.26 22.47 0.31
N LEU A 124 8.45 22.39 0.90
CA LEU A 124 9.67 22.13 0.14
C LEU A 124 10.58 21.23 0.96
N ASP A 125 10.97 20.10 0.36
CA ASP A 125 11.97 19.20 0.94
C ASP A 125 13.16 19.11 0.00
N VAL A 126 14.36 19.18 0.58
CA VAL A 126 15.60 19.23 -0.19
C VAL A 126 16.47 18.05 0.22
N VAL A 127 16.99 17.34 -0.77
CA VAL A 127 17.89 16.21 -0.55
C VAL A 127 19.24 16.57 -1.15
N THR A 128 20.25 16.71 -0.30
CA THR A 128 21.62 16.98 -0.74
C THR A 128 22.40 15.67 -0.72
N THR A 129 22.98 15.32 -1.87
CA THR A 129 23.75 14.10 -2.01
C THR A 129 25.19 14.44 -2.36
N ILE A 130 26.14 13.86 -1.63
CA ILE A 130 27.57 14.03 -1.87
C ILE A 130 28.13 12.65 -2.13
N ALA A 131 28.43 12.33 -3.39
CA ALA A 131 28.89 11.01 -3.77
C ALA A 131 30.29 11.11 -4.35
N TYR A 132 31.07 10.04 -4.14
CA TYR A 132 32.43 9.92 -4.65
C TYR A 132 32.41 8.87 -5.76
N ASN A 133 32.42 9.33 -7.00
CA ASN A 133 32.25 8.45 -8.14
C ASN A 133 33.48 7.58 -8.36
N THR A 134 33.33 6.57 -9.22
CA THR A 134 34.40 5.63 -9.50
C THR A 134 35.50 6.22 -10.36
N ASP A 135 35.24 7.32 -11.06
CA ASP A 135 36.27 8.01 -11.82
C ASP A 135 37.09 8.97 -10.97
N ASN A 136 37.09 8.78 -9.64
CA ASN A 136 37.88 9.58 -8.70
C ASN A 136 37.38 11.02 -8.61
N THR A 137 36.20 11.30 -9.15
CA THR A 137 35.58 12.61 -9.01
C THR A 137 34.56 12.59 -7.87
N VAL A 138 34.20 13.79 -7.43
CA VAL A 138 33.20 13.97 -6.38
C VAL A 138 32.03 14.73 -6.97
N GLY A 139 30.82 14.23 -6.74
CA GLY A 139 29.61 14.83 -7.24
C GLY A 139 28.72 15.30 -6.11
N ILE A 140 28.31 16.56 -6.19
CA ILE A 140 27.43 17.18 -5.20
C ILE A 140 26.13 17.51 -5.92
N GLU A 141 25.02 16.96 -5.42
CA GLU A 141 23.71 17.12 -6.05
C GLU A 141 22.76 17.82 -5.10
N THR A 142 21.85 18.61 -5.67
CA THR A 142 20.79 19.26 -4.91
C THR A 142 19.46 18.89 -5.53
N LYS A 143 18.58 18.27 -4.74
CA LYS A 143 17.28 17.80 -5.20
C LYS A 143 16.20 18.56 -4.44
N VAL A 144 15.36 19.28 -5.17
CA VAL A 144 14.30 20.10 -4.59
C VAL A 144 12.96 19.58 -5.11
N ALA A 145 12.07 19.24 -4.19
CA ALA A 145 10.74 18.74 -4.53
C ALA A 145 9.68 19.58 -3.84
N TYR A 146 8.51 19.67 -4.46
CA TYR A 146 7.39 20.45 -3.95
C TYR A 146 6.47 19.52 -3.16
N LYS A 147 6.42 19.72 -1.85
CA LYS A 147 5.59 18.88 -0.97
C LYS A 147 4.12 19.28 -1.07
N PRO B 4 -14.86 -15.67 23.97
CA PRO B 4 -16.14 -15.50 23.30
C PRO B 4 -16.46 -14.04 23.01
N GLY B 5 -15.43 -13.21 22.89
CA GLY B 5 -15.63 -11.79 22.65
C GLY B 5 -16.00 -11.51 21.21
N THR B 6 -17.00 -10.66 21.03
CA THR B 6 -17.45 -10.23 19.70
C THR B 6 -16.64 -9.00 19.31
N LYS B 7 -15.56 -9.22 18.56
CA LYS B 7 -14.65 -8.13 18.21
C LYS B 7 -15.10 -7.45 16.93
N PRO B 8 -15.29 -6.13 16.93
CA PRO B 8 -15.67 -5.43 15.71
C PRO B 8 -14.49 -5.28 14.76
N TYR B 9 -14.82 -5.09 13.48
CA TYR B 9 -13.80 -4.87 12.46
C TYR B 9 -14.35 -3.98 11.37
N VAL B 10 -13.45 -3.44 10.56
CA VAL B 10 -13.79 -2.65 9.39
C VAL B 10 -12.84 -3.06 8.27
N LYS B 11 -13.37 -3.19 7.05
CA LYS B 11 -12.59 -3.59 5.89
C LYS B 11 -12.84 -2.64 4.74
N VAL B 12 -11.77 -2.29 4.02
CA VAL B 12 -11.83 -1.43 2.86
C VAL B 12 -11.19 -2.17 1.69
N ARG B 13 -11.93 -2.27 0.59
CA ARG B 13 -11.49 -3.03 -0.58
C ARG B 13 -11.55 -2.16 -1.81
N TRP B 14 -10.47 -2.16 -2.59
CA TRP B 14 -10.40 -1.43 -3.85
C TRP B 14 -10.00 -2.40 -4.96
N ASN B 15 -10.80 -2.44 -6.02
CA ASN B 15 -10.54 -3.30 -7.16
C ASN B 15 -9.92 -2.50 -8.31
N THR B 16 -9.27 -3.21 -9.23
CA THR B 16 -8.61 -2.56 -10.35
C THR B 16 -9.59 -2.00 -11.37
N ASP B 17 -10.88 -2.27 -11.23
CA ASP B 17 -11.90 -1.58 -12.01
C ASP B 17 -12.35 -0.29 -11.35
N ASN B 18 -11.55 0.26 -10.44
CA ASN B 18 -11.85 1.50 -9.73
C ASN B 18 -13.16 1.39 -8.96
N THR B 19 -13.42 0.22 -8.38
CA THR B 19 -14.57 0.00 -7.53
C THR B 19 -14.11 -0.16 -6.09
N VAL B 20 -14.73 0.59 -5.18
CA VAL B 20 -14.33 0.63 -3.77
C VAL B 20 -15.47 0.10 -2.93
N ALA B 21 -15.14 -0.70 -1.92
CA ALA B 21 -16.11 -1.24 -0.98
C ALA B 21 -15.65 -0.93 0.45
N VAL B 22 -16.61 -0.61 1.31
CA VAL B 22 -16.37 -0.35 2.72
C VAL B 22 -17.38 -1.17 3.53
N ALA B 23 -16.88 -1.97 4.46
CA ALA B 23 -17.72 -2.85 5.25
C ALA B 23 -17.41 -2.71 6.73
N PHE B 24 -18.45 -2.80 7.55
CA PHE B 24 -18.33 -2.77 9.01
C PHE B 24 -18.98 -4.03 9.57
N GLY B 25 -18.26 -4.74 10.43
CA GLY B 25 -18.78 -5.97 10.97
C GLY B 25 -18.12 -6.33 12.27
N ALA B 26 -18.50 -7.52 12.78
CA ALA B 26 -17.95 -8.04 14.02
C ALA B 26 -17.96 -9.56 13.95
N GLU B 27 -16.90 -10.17 14.45
CA GLU B 27 -16.74 -11.63 14.41
C GLU B 27 -16.60 -12.18 15.82
N THR B 28 -17.30 -13.28 16.08
CA THR B 28 -17.25 -13.98 17.36
C THR B 28 -16.50 -15.28 17.14
N ASP B 29 -15.32 -15.41 17.74
CA ASP B 29 -14.43 -16.53 17.51
C ASP B 29 -14.25 -17.33 18.79
N TYR B 30 -14.45 -18.65 18.69
CA TYR B 30 -14.26 -19.56 19.81
C TYR B 30 -13.18 -20.58 19.44
N LYS B 31 -12.35 -20.93 20.41
CA LYS B 31 -11.35 -21.98 20.26
C LYS B 31 -11.87 -23.21 21.00
N LEU B 32 -12.51 -24.12 20.25
CA LEU B 32 -13.02 -25.35 20.85
C LEU B 32 -11.88 -26.29 21.24
N ALA B 33 -10.70 -26.10 20.67
CA ALA B 33 -9.55 -26.95 20.95
C ALA B 33 -8.29 -26.18 20.57
N PRO B 34 -7.13 -26.57 21.11
CA PRO B 34 -5.88 -25.92 20.70
C PRO B 34 -5.59 -26.03 19.21
N TYR B 35 -6.20 -27.00 18.52
CA TYR B 35 -5.99 -27.20 17.10
C TYR B 35 -7.16 -26.77 16.24
N LEU B 36 -8.29 -26.39 16.84
CA LEU B 36 -9.50 -26.07 16.09
C LEU B 36 -10.07 -24.76 16.60
N LYS B 37 -10.27 -23.80 15.69
CA LYS B 37 -10.88 -22.52 16.02
C LYS B 37 -12.00 -22.24 15.03
N THR B 38 -13.18 -21.94 15.55
CA THR B 38 -14.34 -21.63 14.74
C THR B 38 -14.83 -20.21 15.06
N GLY B 39 -15.52 -19.61 14.10
CA GLY B 39 -15.98 -18.24 14.26
C GLY B 39 -17.15 -17.94 13.34
N VAL B 40 -17.96 -16.97 13.77
CA VAL B 40 -19.06 -16.44 12.97
C VAL B 40 -18.87 -14.94 12.83
N ALA B 41 -19.02 -14.43 11.62
CA ALA B 41 -18.84 -13.01 11.34
C ALA B 41 -20.01 -12.50 10.52
N THR B 42 -20.58 -11.38 10.95
CA THR B 42 -21.62 -10.68 10.20
C THR B 42 -21.13 -9.27 9.89
N GLU B 43 -21.34 -8.84 8.65
CA GLU B 43 -20.85 -7.54 8.21
C GLU B 43 -21.88 -6.90 7.28
N THR B 44 -21.82 -5.56 7.22
CA THR B 44 -22.63 -4.77 6.30
C THR B 44 -21.69 -4.00 5.38
N GLU B 45 -21.84 -4.19 4.08
CA GLU B 45 -20.91 -3.65 3.10
C GLU B 45 -21.61 -2.64 2.21
N TYR B 46 -21.00 -1.46 2.08
CA TYR B 46 -21.46 -0.43 1.15
C TYR B 46 -20.46 -0.34 0.00
N ASN B 47 -20.95 -0.43 -1.23
CA ASN B 47 -20.11 -0.45 -2.41
C ASN B 47 -20.58 0.60 -3.40
N ASN B 48 -19.66 1.04 -4.26
CA ASN B 48 -20.02 1.95 -5.34
C ASN B 48 -20.89 1.28 -6.41
N SER B 49 -20.97 -0.05 -6.40
CA SER B 49 -21.96 -0.79 -7.17
C SER B 49 -22.77 -1.62 -6.18
N SER B 50 -24.10 -1.48 -6.24
CA SER B 50 -25.05 -1.97 -5.25
C SER B 50 -25.05 -1.05 -4.03
N LEU B 51 -26.24 -0.81 -3.47
CA LEU B 51 -26.41 0.18 -2.40
C LEU B 51 -25.89 -0.33 -1.06
N VAL B 52 -26.38 -1.49 -0.62
CA VAL B 52 -25.99 -2.05 0.67
C VAL B 52 -26.00 -3.56 0.57
N LYS B 53 -25.01 -4.21 1.19
CA LYS B 53 -24.87 -5.66 1.18
C LYS B 53 -24.63 -6.13 2.61
N THR B 54 -25.36 -7.18 3.01
CA THR B 54 -25.18 -7.79 4.31
C THR B 54 -24.71 -9.23 4.11
N GLY B 55 -23.71 -9.64 4.88
CA GLY B 55 -23.16 -10.97 4.72
C GLY B 55 -22.80 -11.65 6.04
N THR B 56 -23.05 -12.95 6.12
CA THR B 56 -22.71 -13.76 7.27
C THR B 56 -21.84 -14.91 6.83
N GLU B 57 -20.67 -15.05 7.45
CA GLU B 57 -19.70 -16.07 7.06
C GLU B 57 -19.32 -16.92 8.25
N VAL B 58 -18.96 -18.17 7.97
CA VAL B 58 -18.53 -19.14 8.97
C VAL B 58 -17.08 -19.51 8.69
N LYS B 59 -16.23 -19.36 9.70
CA LYS B 59 -14.80 -19.60 9.57
C LYS B 59 -14.36 -20.70 10.51
N THR B 60 -13.57 -21.63 9.99
CA THR B 60 -12.94 -22.68 10.77
C THR B 60 -11.46 -22.74 10.44
N ALA B 61 -10.64 -23.02 11.44
CA ALA B 61 -9.19 -23.07 11.28
C ALA B 61 -8.67 -24.31 12.00
N TYR B 62 -7.99 -25.19 11.26
CA TYR B 62 -7.42 -26.41 11.81
C TYR B 62 -5.90 -26.36 11.68
N ARG B 63 -5.22 -26.59 12.80
CA ARG B 63 -3.76 -26.57 12.82
C ARG B 63 -3.23 -27.75 12.00
N LEU B 64 -2.41 -27.45 10.98
CA LEU B 64 -1.83 -28.48 10.15
C LEU B 64 -0.41 -28.88 10.55
N GLY B 65 0.27 -28.03 11.33
CA GLY B 65 1.63 -28.32 11.75
C GLY B 65 2.13 -27.34 12.78
N PRO B 66 3.45 -27.24 12.92
CA PRO B 66 4.01 -26.31 13.91
C PRO B 66 3.67 -24.85 13.64
N ASN B 67 3.60 -24.45 12.37
CA ASN B 67 3.32 -23.07 12.02
C ASN B 67 2.25 -22.93 10.94
N ALA B 68 1.56 -24.02 10.60
CA ALA B 68 0.57 -24.02 9.54
C ALA B 68 -0.83 -24.25 10.09
N ALA B 69 -1.81 -23.64 9.43
CA ALA B 69 -3.21 -23.80 9.79
C ALA B 69 -4.06 -23.75 8.53
N LEU B 70 -5.06 -24.64 8.45
CA LEU B 70 -5.96 -24.72 7.32
C LEU B 70 -7.22 -23.93 7.64
N GLU B 71 -7.43 -22.84 6.91
CA GLU B 71 -8.56 -21.93 7.14
C GLU B 71 -9.61 -22.13 6.06
N THR B 72 -10.87 -22.26 6.47
CA THR B 72 -11.99 -22.39 5.56
C THR B 72 -13.05 -21.36 5.92
N VAL B 73 -13.60 -20.69 4.90
CA VAL B 73 -14.61 -19.66 5.09
C VAL B 73 -15.81 -20.01 4.21
N VAL B 74 -16.99 -20.10 4.81
CA VAL B 74 -18.24 -20.31 4.11
C VAL B 74 -19.07 -19.04 4.28
N ARG B 75 -19.20 -18.27 3.20
CA ARG B 75 -19.81 -16.95 3.24
C ARG B 75 -21.07 -16.94 2.38
N TYR B 76 -22.16 -16.42 2.95
CA TYR B 76 -23.41 -16.23 2.23
C TYR B 76 -23.94 -14.83 2.52
N ASN B 77 -24.33 -14.12 1.47
CA ASN B 77 -24.83 -12.75 1.56
C ASN B 77 -26.29 -12.71 1.18
N THR B 78 -26.92 -11.55 1.44
CA THR B 78 -28.32 -11.36 1.13
C THR B 78 -28.55 -11.04 -0.35
N ASP B 79 -27.50 -10.82 -1.12
CA ASP B 79 -27.61 -10.71 -2.57
C ASP B 79 -27.72 -12.06 -3.25
N ASN B 80 -28.13 -13.09 -2.50
CA ASN B 80 -28.21 -14.47 -2.97
C ASN B 80 -26.87 -14.96 -3.52
N THR B 81 -25.77 -14.39 -3.03
CA THR B 81 -24.43 -14.77 -3.44
C THR B 81 -23.81 -15.66 -2.37
N PHE B 82 -23.27 -16.80 -2.81
CA PHE B 82 -22.63 -17.75 -1.91
C PHE B 82 -21.17 -17.92 -2.32
N GLY B 83 -20.30 -18.07 -1.33
CA GLY B 83 -18.88 -18.19 -1.60
C GLY B 83 -18.19 -19.05 -0.57
N VAL B 84 -17.12 -19.72 -1.01
CA VAL B 84 -16.31 -20.56 -0.14
C VAL B 84 -14.84 -20.16 -0.30
N GLU B 85 -14.07 -20.33 0.77
CA GLU B 85 -12.65 -20.03 0.77
C GLU B 85 -11.90 -21.14 1.49
N VAL B 86 -10.70 -21.42 1.00
CA VAL B 86 -9.78 -22.39 1.62
C VAL B 86 -8.37 -21.82 1.52
N ALA B 87 -7.70 -21.68 2.67
CA ALA B 87 -6.36 -21.12 2.70
C ALA B 87 -5.54 -21.85 3.75
N ILE B 88 -4.21 -21.84 3.55
CA ILE B 88 -3.26 -22.41 4.49
C ILE B 88 -2.45 -21.26 5.08
N GLU B 89 -2.63 -21.02 6.37
CA GLU B 89 -2.01 -19.89 7.05
C GLU B 89 -0.68 -20.31 7.65
N TYR B 90 0.41 -19.74 7.15
CA TYR B 90 1.75 -19.97 7.68
C TYR B 90 2.12 -18.84 8.62
N ARG B 91 2.68 -19.19 9.78
CA ARG B 91 3.18 -18.21 10.73
C ARG B 91 4.67 -18.02 10.48
N LEU B 92 5.05 -16.85 9.95
CA LEU B 92 6.44 -16.56 9.67
C LEU B 92 7.15 -15.87 10.82
N GLU B 93 6.44 -15.01 11.54
CA GLU B 93 6.98 -14.26 12.66
C GLU B 93 5.93 -14.21 13.76
N PRO B 94 6.31 -13.88 15.00
CA PRO B 94 5.32 -13.77 16.06
C PRO B 94 4.20 -12.79 15.76
N ASP B 95 4.39 -11.84 14.84
CA ASP B 95 3.37 -10.86 14.50
C ASP B 95 3.06 -10.82 13.01
N LEU B 96 3.45 -11.85 12.27
CA LEU B 96 3.21 -11.88 10.83
C LEU B 96 2.80 -13.28 10.41
N SER B 97 1.71 -13.37 9.64
CA SER B 97 1.26 -14.63 9.06
C SER B 97 0.85 -14.38 7.62
N VAL B 98 1.10 -15.38 6.77
CA VAL B 98 0.76 -15.31 5.35
C VAL B 98 -0.09 -16.52 5.01
N ALA B 99 -1.21 -16.28 4.31
CA ALA B 99 -2.17 -17.33 4.00
C ALA B 99 -2.57 -17.26 2.53
N PRO B 100 -1.88 -17.99 1.66
CA PRO B 100 -2.35 -18.13 0.28
C PRO B 100 -3.50 -19.11 0.21
N GLY B 101 -4.52 -18.75 -0.58
CA GLY B 101 -5.71 -19.58 -0.67
C GLY B 101 -6.41 -19.54 -2.02
N THR B 102 -7.60 -20.12 -2.07
CA THR B 102 -8.42 -20.14 -3.27
C THR B 102 -9.84 -19.74 -2.91
N ARG B 103 -10.50 -19.02 -3.81
CA ARG B 103 -11.85 -18.50 -3.57
C ARG B 103 -12.78 -18.95 -4.68
N TRP B 104 -14.02 -19.26 -4.32
CA TRP B 104 -15.05 -19.67 -5.27
C TRP B 104 -16.35 -18.97 -4.92
N ASN B 105 -17.12 -18.63 -5.95
CA ASN B 105 -18.41 -17.98 -5.77
C ASN B 105 -19.47 -18.71 -6.59
N ASN B 106 -20.74 -18.52 -6.18
CA ASN B 106 -21.84 -19.13 -6.91
C ASN B 106 -22.01 -18.52 -8.30
N SER B 107 -21.37 -17.39 -8.57
CA SER B 107 -21.44 -16.77 -9.89
C SER B 107 -20.32 -17.30 -10.77
N SER B 108 -19.89 -18.53 -10.49
CA SER B 108 -18.80 -19.20 -11.20
C SER B 108 -17.49 -18.44 -11.09
N LEU B 109 -17.36 -17.57 -10.09
CA LEU B 109 -16.14 -16.79 -9.93
C LEU B 109 -15.12 -17.61 -9.12
N LEU B 110 -13.92 -17.75 -9.68
CA LEU B 110 -12.82 -18.42 -9.01
C LEU B 110 -11.64 -17.46 -8.91
N ALA B 111 -10.94 -17.50 -7.78
CA ALA B 111 -9.89 -16.52 -7.55
C ALA B 111 -8.87 -16.97 -6.52
N PRO B 112 -7.60 -17.12 -6.91
CA PRO B 112 -6.55 -17.26 -5.89
C PRO B 112 -6.36 -15.95 -5.14
N TYR B 113 -6.06 -16.07 -3.85
CA TYR B 113 -5.85 -14.90 -3.01
C TYR B 113 -4.75 -15.19 -2.00
N ILE B 114 -4.29 -14.14 -1.33
CA ILE B 114 -3.27 -14.24 -0.30
C ILE B 114 -3.64 -13.30 0.84
N LYS B 115 -3.64 -13.82 2.06
CA LYS B 115 -3.92 -13.02 3.25
C LYS B 115 -2.63 -12.72 3.99
N ILE B 116 -2.37 -11.44 4.24
CA ILE B 116 -1.21 -10.99 4.98
C ILE B 116 -1.71 -10.36 6.27
N LYS B 117 -1.47 -11.03 7.39
CA LYS B 117 -1.99 -10.63 8.69
C LYS B 117 -0.83 -10.16 9.56
N TYR B 118 -0.92 -8.93 10.06
CA TYR B 118 0.09 -8.37 10.93
C TYR B 118 -0.57 -7.49 11.99
N LYS B 119 0.12 -7.32 13.10
CA LYS B 119 -0.39 -6.55 14.23
C LYS B 119 0.07 -5.10 14.14
N LEU B 120 -0.89 -4.18 14.20
CA LEU B 120 -0.55 -2.76 14.33
C LEU B 120 -0.14 -2.43 15.76
N GLY B 121 -0.74 -3.09 16.74
CA GLY B 121 -0.40 -2.91 18.13
C GLY B 121 -0.81 -4.12 18.95
N PRO B 122 -0.99 -3.92 20.26
CA PRO B 122 -1.42 -5.04 21.11
C PRO B 122 -2.88 -5.40 20.92
N ASP B 123 -3.72 -4.46 20.48
CA ASP B 123 -5.14 -4.68 20.34
C ASP B 123 -5.63 -4.61 18.90
N LEU B 124 -4.77 -4.24 17.96
CA LEU B 124 -5.16 -4.04 16.57
C LEU B 124 -4.44 -5.05 15.68
N ASP B 125 -5.23 -5.79 14.90
CA ASP B 125 -4.72 -6.75 13.92
C ASP B 125 -5.16 -6.31 12.54
N VAL B 126 -4.23 -6.31 11.58
CA VAL B 126 -4.49 -5.86 10.23
C VAL B 126 -4.33 -7.05 9.29
N VAL B 127 -5.32 -7.25 8.43
CA VAL B 127 -5.31 -8.33 7.44
C VAL B 127 -5.45 -7.69 6.06
N THR B 128 -4.44 -7.91 5.21
CA THR B 128 -4.44 -7.41 3.84
C THR B 128 -4.67 -8.60 2.90
N THR B 129 -5.80 -8.60 2.21
CA THR B 129 -6.17 -9.67 1.29
C THR B 129 -6.08 -9.14 -0.14
N ILE B 130 -5.31 -9.83 -0.97
CA ILE B 130 -5.14 -9.48 -2.38
C ILE B 130 -5.72 -10.62 -3.20
N ALA B 131 -6.86 -10.39 -3.83
CA ALA B 131 -7.55 -11.40 -4.61
C ALA B 131 -7.33 -11.16 -6.10
N TYR B 132 -6.87 -12.19 -6.80
CA TYR B 132 -6.65 -12.15 -8.25
C TYR B 132 -7.77 -12.94 -8.89
N ASN B 133 -8.81 -12.24 -9.34
CA ASN B 133 -10.04 -12.87 -9.79
C ASN B 133 -10.00 -13.17 -11.28
N THR B 134 -10.88 -14.10 -11.69
CA THR B 134 -10.98 -14.50 -13.09
C THR B 134 -11.80 -13.53 -13.93
N ASP B 135 -12.28 -12.43 -13.34
CA ASP B 135 -12.90 -11.36 -14.10
C ASP B 135 -11.89 -10.34 -14.59
N ASN B 136 -10.61 -10.72 -14.62
CA ASN B 136 -9.52 -9.84 -15.07
C ASN B 136 -9.39 -8.60 -14.20
N THR B 137 -9.81 -8.71 -12.93
CA THR B 137 -9.65 -7.62 -11.96
C THR B 137 -8.95 -8.15 -10.73
N VAL B 138 -8.34 -7.24 -9.98
CA VAL B 138 -7.64 -7.55 -8.74
C VAL B 138 -8.21 -6.69 -7.63
N GLY B 139 -8.64 -7.32 -6.55
CA GLY B 139 -9.19 -6.63 -5.39
C GLY B 139 -8.22 -6.68 -4.23
N ILE B 140 -7.96 -5.51 -3.66
CA ILE B 140 -7.07 -5.35 -2.52
C ILE B 140 -7.92 -4.94 -1.32
N GLU B 141 -8.05 -5.84 -0.35
CA GLU B 141 -8.86 -5.61 0.84
C GLU B 141 -7.96 -5.43 2.05
N THR B 142 -8.29 -4.45 2.89
CA THR B 142 -7.57 -4.19 4.12
C THR B 142 -8.56 -4.19 5.27
N LYS B 143 -8.40 -5.15 6.19
CA LYS B 143 -9.28 -5.32 7.33
C LYS B 143 -8.54 -5.00 8.61
N VAL B 144 -9.16 -4.18 9.47
CA VAL B 144 -8.61 -3.81 10.76
C VAL B 144 -9.57 -4.27 11.84
N ALA B 145 -9.06 -5.04 12.80
CA ALA B 145 -9.88 -5.55 13.89
C ALA B 145 -9.22 -5.30 15.24
N GLY C 5 27.70 -16.29 -10.00
CA GLY C 5 26.57 -17.15 -10.26
C GLY C 5 26.33 -17.42 -11.73
N THR C 6 25.61 -16.50 -12.38
CA THR C 6 25.28 -16.58 -13.80
C THR C 6 24.57 -17.90 -14.13
N LYS C 7 23.31 -17.96 -13.70
CA LYS C 7 22.55 -19.16 -14.00
C LYS C 7 21.55 -18.91 -15.13
N PRO C 8 21.43 -19.84 -16.06
CA PRO C 8 20.51 -19.65 -17.19
C PRO C 8 19.08 -19.97 -16.81
N TYR C 9 18.15 -19.40 -17.57
CA TYR C 9 16.73 -19.64 -17.37
C TYR C 9 16.00 -19.48 -18.69
N VAL C 10 14.74 -19.92 -18.71
CA VAL C 10 13.87 -19.77 -19.86
C VAL C 10 12.48 -19.42 -19.36
N LYS C 11 11.82 -18.48 -20.04
CA LYS C 11 10.49 -18.04 -19.68
C LYS C 11 9.50 -18.37 -20.79
N VAL C 12 8.30 -18.78 -20.40
CA VAL C 12 7.20 -19.03 -21.32
C VAL C 12 5.98 -18.32 -20.74
N ARG C 13 5.49 -17.29 -21.42
CA ARG C 13 4.39 -16.48 -20.94
C ARG C 13 3.21 -16.55 -21.89
N TRP C 14 2.01 -16.56 -21.32
CA TRP C 14 0.76 -16.58 -22.08
C TRP C 14 -0.18 -15.53 -21.51
N ASN C 15 -0.84 -14.79 -22.39
CA ASN C 15 -1.79 -13.76 -21.99
C ASN C 15 -3.19 -14.12 -22.47
N THR C 16 -4.18 -13.47 -21.85
CA THR C 16 -5.58 -13.78 -22.14
C THR C 16 -5.99 -13.44 -23.56
N ASP C 17 -5.20 -12.64 -24.29
CA ASP C 17 -5.43 -12.39 -25.70
C ASP C 17 -4.74 -13.41 -26.60
N ASN C 18 -4.33 -14.55 -26.04
CA ASN C 18 -3.64 -15.62 -26.77
C ASN C 18 -2.35 -15.11 -27.42
N THR C 19 -1.60 -14.29 -26.69
CA THR C 19 -0.27 -13.88 -27.10
C THR C 19 0.76 -14.66 -26.29
N VAL C 20 1.70 -15.29 -26.97
CA VAL C 20 2.70 -16.14 -26.35
C VAL C 20 4.08 -15.57 -26.62
N ALA C 21 4.94 -15.60 -25.61
CA ALA C 21 6.31 -15.11 -25.72
C ALA C 21 7.24 -16.08 -25.01
N VAL C 22 8.21 -16.61 -25.75
CA VAL C 22 9.26 -17.45 -25.18
C VAL C 22 10.54 -16.61 -25.10
N ALA C 23 11.25 -16.73 -23.99
CA ALA C 23 12.43 -15.92 -23.75
C ALA C 23 13.53 -16.75 -23.11
N PHE C 24 14.77 -16.40 -23.43
CA PHE C 24 15.95 -17.08 -22.89
C PHE C 24 16.86 -16.03 -22.26
N GLY C 25 17.34 -16.32 -21.06
CA GLY C 25 18.19 -15.35 -20.39
C GLY C 25 19.08 -16.01 -19.36
N ALA C 26 19.88 -15.17 -18.71
CA ALA C 26 20.80 -15.60 -17.67
C ALA C 26 20.78 -14.56 -16.56
N GLU C 27 20.87 -15.02 -15.31
CA GLU C 27 20.80 -14.15 -14.15
C GLU C 27 22.02 -14.38 -13.26
N THR C 28 22.64 -13.28 -12.83
CA THR C 28 23.79 -13.32 -11.93
C THR C 28 23.45 -12.53 -10.68
N ASP C 29 23.46 -13.20 -9.53
CA ASP C 29 23.12 -12.58 -8.26
C ASP C 29 24.39 -12.37 -7.43
N TYR C 30 24.53 -11.18 -6.86
CA TYR C 30 25.67 -10.82 -6.01
C TYR C 30 25.13 -10.55 -4.61
N LYS C 31 25.63 -11.30 -3.63
CA LYS C 31 25.22 -11.10 -2.23
C LYS C 31 26.21 -10.15 -1.57
N LEU C 32 25.86 -8.87 -1.50
CA LEU C 32 26.72 -7.87 -0.91
C LEU C 32 26.62 -7.79 0.61
N ALA C 33 25.64 -8.48 1.21
CA ALA C 33 25.42 -8.43 2.65
C ALA C 33 24.70 -9.72 3.04
N PRO C 34 24.79 -10.11 4.32
CA PRO C 34 24.03 -11.29 4.76
C PRO C 34 22.54 -11.13 4.60
N TYR C 35 22.04 -9.90 4.68
CA TYR C 35 20.61 -9.63 4.59
C TYR C 35 20.19 -9.09 3.22
N LEU C 36 21.13 -8.67 2.38
CA LEU C 36 20.82 -8.00 1.13
C LEU C 36 21.60 -8.63 -0.02
N LYS C 37 20.92 -8.83 -1.14
CA LYS C 37 21.56 -9.28 -2.37
C LYS C 37 21.11 -8.41 -3.54
N THR C 38 21.96 -8.35 -4.55
CA THR C 38 21.65 -7.67 -5.81
C THR C 38 21.81 -8.65 -6.96
N GLY C 39 21.32 -8.26 -8.13
CA GLY C 39 21.38 -9.12 -9.29
C GLY C 39 21.15 -8.36 -10.57
N VAL C 40 21.75 -8.87 -11.64
CA VAL C 40 21.54 -8.34 -12.99
C VAL C 40 21.15 -9.50 -13.89
N ALA C 41 20.19 -9.27 -14.78
CA ALA C 41 19.67 -10.31 -15.64
C ALA C 41 19.44 -9.75 -17.03
N THR C 42 19.98 -10.42 -18.04
CA THR C 42 19.75 -10.08 -19.44
C THR C 42 18.92 -11.17 -20.09
N GLU C 43 18.04 -10.77 -21.00
CA GLU C 43 17.06 -11.70 -21.56
C GLU C 43 16.74 -11.32 -22.99
N THR C 44 16.59 -12.33 -23.85
CA THR C 44 16.19 -12.15 -25.24
C THR C 44 14.81 -12.80 -25.40
N GLU C 45 13.80 -11.99 -25.68
CA GLU C 45 12.43 -12.44 -25.77
C GLU C 45 11.96 -12.46 -27.21
N TYR C 46 11.25 -13.52 -27.59
CA TYR C 46 10.68 -13.67 -28.93
C TYR C 46 9.17 -13.47 -28.81
N ASN C 47 8.72 -12.23 -28.96
CA ASN C 47 7.30 -11.91 -28.90
C ASN C 47 6.71 -12.04 -30.30
N ASN C 48 5.65 -12.83 -30.42
CA ASN C 48 5.05 -13.10 -31.72
C ASN C 48 4.48 -11.85 -32.38
N SER C 49 4.29 -10.77 -31.62
CA SER C 49 3.80 -9.51 -32.17
C SER C 49 4.91 -8.51 -32.48
N SER C 50 5.90 -8.38 -31.60
CA SER C 50 7.00 -7.45 -31.80
C SER C 50 8.30 -8.15 -32.18
N LEU C 51 8.21 -9.38 -32.69
CA LEU C 51 9.36 -10.14 -33.19
C LEU C 51 10.33 -10.37 -32.03
N VAL C 52 11.55 -9.86 -32.07
CA VAL C 52 12.57 -10.13 -31.05
C VAL C 52 12.79 -8.88 -30.24
N LYS C 53 13.00 -9.05 -28.93
CA LYS C 53 13.24 -7.94 -28.02
C LYS C 53 14.19 -8.41 -26.93
N THR C 54 15.17 -7.58 -26.61
CA THR C 54 16.18 -7.89 -25.60
C THR C 54 16.07 -6.89 -24.46
N GLY C 55 16.09 -7.38 -23.23
CA GLY C 55 15.97 -6.54 -22.06
C GLY C 55 17.01 -6.86 -21.01
N THR C 56 17.26 -5.89 -20.15
CA THR C 56 18.18 -6.03 -19.02
C THR C 56 17.52 -5.47 -17.79
N GLU C 57 17.55 -6.23 -16.69
CA GLU C 57 16.91 -5.82 -15.45
C GLU C 57 17.90 -5.94 -14.29
N VAL C 58 17.99 -4.88 -13.50
CA VAL C 58 18.83 -4.84 -12.30
C VAL C 58 17.91 -4.94 -11.09
N LYS C 59 18.28 -5.79 -10.13
CA LYS C 59 17.41 -6.11 -9.02
C LYS C 59 18.15 -6.00 -7.69
N THR C 60 17.40 -5.73 -6.63
CA THR C 60 17.89 -5.83 -5.26
C THR C 60 16.82 -6.48 -4.39
N ALA C 61 17.27 -7.16 -3.35
CA ALA C 61 16.36 -7.83 -2.43
C ALA C 61 17.04 -7.92 -1.07
N TYR C 62 16.36 -7.42 -0.04
CA TYR C 62 16.87 -7.52 1.32
C TYR C 62 15.78 -8.12 2.22
N ARG C 63 16.24 -8.75 3.31
CA ARG C 63 15.32 -9.42 4.22
C ARG C 63 14.54 -8.41 5.04
N LEU C 64 13.22 -8.50 5.00
CA LEU C 64 12.39 -7.73 5.92
C LEU C 64 12.31 -8.41 7.29
N GLY C 65 12.42 -9.73 7.33
CA GLY C 65 12.42 -10.48 8.57
C GLY C 65 13.09 -11.82 8.40
N PRO C 66 12.79 -12.76 9.29
CA PRO C 66 13.37 -14.10 9.15
C PRO C 66 12.86 -14.86 7.94
N ASN C 67 11.58 -14.70 7.58
CA ASN C 67 11.00 -15.38 6.43
C ASN C 67 10.39 -14.42 5.43
N ALA C 68 10.80 -13.15 5.45
CA ALA C 68 10.26 -12.13 4.55
C ALA C 68 11.39 -11.41 3.85
N ALA C 69 11.21 -11.16 2.56
CA ALA C 69 12.18 -10.41 1.76
C ALA C 69 11.44 -9.52 0.78
N LEU C 70 12.01 -8.36 0.50
CA LEU C 70 11.41 -7.38 -0.39
C LEU C 70 12.34 -7.15 -1.58
N GLU C 71 11.78 -7.24 -2.78
CA GLU C 71 12.54 -7.16 -4.02
C GLU C 71 12.12 -5.95 -4.83
N THR C 72 13.09 -5.27 -5.43
CA THR C 72 12.85 -4.15 -6.33
C THR C 72 13.62 -4.39 -7.63
N VAL C 73 12.96 -4.14 -8.76
CA VAL C 73 13.52 -4.42 -10.07
C VAL C 73 13.27 -3.23 -11.00
N VAL C 74 14.29 -2.87 -11.77
CA VAL C 74 14.16 -1.92 -12.86
C VAL C 74 14.65 -2.60 -14.14
N ARG C 75 13.81 -2.56 -15.18
CA ARG C 75 14.09 -3.25 -16.42
C ARG C 75 14.04 -2.28 -17.59
N TYR C 76 14.97 -2.41 -18.52
CA TYR C 76 15.03 -1.61 -19.73
C TYR C 76 15.26 -2.52 -20.93
N ASN C 77 14.53 -2.26 -22.01
CA ASN C 77 14.57 -3.10 -23.19
C ASN C 77 15.05 -2.29 -24.40
N THR C 78 15.22 -3.00 -25.52
CA THR C 78 15.73 -2.37 -26.74
C THR C 78 14.70 -1.46 -27.40
N ASP C 79 13.41 -1.61 -27.07
CA ASP C 79 12.38 -0.76 -27.62
C ASP C 79 12.24 0.56 -26.86
N ASN C 80 13.23 0.91 -26.04
CA ASN C 80 13.20 2.13 -25.23
C ASN C 80 11.98 2.15 -24.31
N THR C 81 11.81 1.05 -23.58
CA THR C 81 10.69 0.87 -22.66
C THR C 81 11.21 0.45 -21.30
N PHE C 82 10.71 1.08 -20.25
CA PHE C 82 11.13 0.79 -18.88
C PHE C 82 10.08 -0.06 -18.17
N GLY C 83 10.53 -0.72 -17.10
CA GLY C 83 9.66 -1.53 -16.27
C GLY C 83 10.16 -1.61 -14.84
N VAL C 84 9.24 -1.46 -13.88
CA VAL C 84 9.59 -1.45 -12.46
C VAL C 84 8.73 -2.47 -11.74
N GLU C 85 9.37 -3.25 -10.86
CA GLU C 85 8.68 -4.27 -10.07
C GLU C 85 9.05 -4.09 -8.60
N VAL C 86 8.04 -4.16 -7.73
CA VAL C 86 8.23 -4.15 -6.28
C VAL C 86 7.37 -5.24 -5.69
N ALA C 87 7.97 -6.15 -4.94
CA ALA C 87 7.24 -7.29 -4.40
C ALA C 87 7.90 -7.76 -3.10
N ILE C 88 7.08 -8.27 -2.20
CA ILE C 88 7.54 -8.87 -0.95
C ILE C 88 7.44 -10.38 -1.09
N GLU C 89 8.57 -11.07 -0.95
CA GLU C 89 8.62 -12.51 -1.06
C GLU C 89 8.51 -13.14 0.33
N TYR C 90 7.45 -13.90 0.55
CA TYR C 90 7.21 -14.57 1.82
C TYR C 90 7.59 -16.04 1.70
N ARG C 91 8.55 -16.47 2.52
CA ARG C 91 8.99 -17.87 2.53
C ARG C 91 8.08 -18.66 3.44
N LEU C 92 7.23 -19.50 2.84
CA LEU C 92 6.30 -20.34 3.59
C LEU C 92 6.90 -21.68 3.98
N GLU C 93 7.61 -22.31 3.05
CA GLU C 93 8.28 -23.59 3.24
C GLU C 93 9.70 -23.48 2.70
N PRO C 94 10.59 -24.40 3.09
CA PRO C 94 11.96 -24.33 2.58
C PRO C 94 12.07 -24.36 1.06
N ASP C 95 11.09 -24.95 0.38
CA ASP C 95 11.09 -25.03 -1.08
C ASP C 95 9.91 -24.30 -1.70
N LEU C 96 9.25 -23.41 -0.96
CA LEU C 96 8.06 -22.74 -1.46
C LEU C 96 8.01 -21.33 -0.92
N SER C 97 7.76 -20.36 -1.81
CA SER C 97 7.62 -18.98 -1.42
C SER C 97 6.61 -18.30 -2.35
N VAL C 98 5.90 -17.32 -1.81
CA VAL C 98 4.92 -16.55 -2.58
C VAL C 98 5.30 -15.08 -2.49
N ALA C 99 5.14 -14.36 -3.60
CA ALA C 99 5.56 -12.96 -3.69
C ALA C 99 4.52 -12.14 -4.42
N PRO C 100 3.61 -11.51 -3.69
CA PRO C 100 2.70 -10.53 -4.31
C PRO C 100 3.43 -9.22 -4.58
N GLY C 101 3.08 -8.58 -5.69
CA GLY C 101 3.78 -7.36 -6.05
C GLY C 101 2.98 -6.51 -7.03
N THR C 102 3.58 -5.38 -7.38
CA THR C 102 3.01 -4.43 -8.33
C THR C 102 4.05 -4.14 -9.40
N ARG C 103 3.59 -3.95 -10.63
CA ARG C 103 4.46 -3.78 -11.78
C ARG C 103 4.16 -2.46 -12.49
N TRP C 104 5.22 -1.74 -12.85
CA TRP C 104 5.12 -0.48 -13.58
C TRP C 104 5.62 -0.67 -15.00
N ASN C 105 4.92 -0.06 -15.95
CA ASN C 105 5.34 -0.04 -17.34
C ASN C 105 5.73 1.38 -17.74
N ASN C 106 6.35 1.50 -18.91
CA ASN C 106 6.67 2.81 -19.45
C ASN C 106 5.41 3.62 -19.75
N SER C 107 4.28 2.94 -19.98
CA SER C 107 2.98 3.57 -20.13
C SER C 107 2.32 3.88 -18.79
N SER C 108 3.09 3.87 -17.70
CA SER C 108 2.62 4.14 -16.35
C SER C 108 1.52 3.17 -15.93
N LEU C 109 0.73 3.56 -14.93
CA LEU C 109 -0.35 2.75 -14.36
C LEU C 109 0.18 1.53 -13.63
N LEU C 110 -0.57 1.04 -12.64
CA LEU C 110 -0.15 -0.08 -11.82
C LEU C 110 -0.66 -1.39 -12.40
N ALA C 111 0.14 -2.44 -12.24
CA ALA C 111 -0.21 -3.79 -12.69
C ALA C 111 0.13 -4.77 -11.58
N PRO C 112 -0.84 -5.16 -10.76
CA PRO C 112 -0.55 -6.11 -9.68
C PRO C 112 -0.26 -7.50 -10.22
N TYR C 113 0.69 -8.17 -9.57
CA TYR C 113 1.06 -9.53 -9.95
C TYR C 113 1.37 -10.33 -8.70
N ILE C 114 1.53 -11.64 -8.88
CA ILE C 114 1.87 -12.55 -7.79
C ILE C 114 2.82 -13.61 -8.35
N LYS C 115 3.88 -13.90 -7.59
CA LYS C 115 4.87 -14.89 -7.97
C LYS C 115 4.82 -16.07 -7.00
N ILE C 116 4.82 -17.28 -7.54
CA ILE C 116 4.89 -18.50 -6.76
C ILE C 116 6.19 -19.19 -7.12
N LYS C 117 7.18 -19.13 -6.23
CA LYS C 117 8.50 -19.71 -6.46
C LYS C 117 8.60 -21.04 -5.73
N TYR C 118 9.01 -22.08 -6.45
CA TYR C 118 9.11 -23.41 -5.89
C TYR C 118 10.23 -24.18 -6.58
N LYS C 119 10.83 -25.10 -5.84
CA LYS C 119 11.98 -25.86 -6.30
C LYS C 119 11.51 -27.26 -6.68
N LEU C 120 11.43 -27.52 -7.99
CA LEU C 120 10.96 -28.83 -8.45
C LEU C 120 11.97 -29.93 -8.15
N GLY C 121 13.25 -29.68 -8.46
CA GLY C 121 14.29 -30.65 -8.21
C GLY C 121 15.41 -30.08 -7.36
N PRO C 122 16.53 -30.78 -7.30
CA PRO C 122 17.67 -30.26 -6.52
C PRO C 122 18.25 -28.99 -7.11
N ASP C 123 18.39 -28.91 -8.43
CA ASP C 123 18.98 -27.75 -9.09
C ASP C 123 18.03 -27.14 -10.12
N LEU C 124 16.72 -27.35 -9.96
CA LEU C 124 15.73 -26.85 -10.90
C LEU C 124 14.79 -25.92 -10.13
N ASP C 125 14.90 -24.61 -10.40
CA ASP C 125 14.10 -23.60 -9.74
C ASP C 125 13.05 -23.08 -10.72
N VAL C 126 11.79 -23.09 -10.30
CA VAL C 126 10.67 -22.72 -11.15
C VAL C 126 9.88 -21.62 -10.46
N VAL C 127 9.60 -20.55 -11.20
CA VAL C 127 8.81 -19.42 -10.71
C VAL C 127 7.61 -19.24 -11.64
N THR C 128 6.42 -19.19 -11.06
CA THR C 128 5.18 -18.98 -11.81
C THR C 128 4.62 -17.60 -11.45
N THR C 129 4.45 -16.76 -12.45
CA THR C 129 4.03 -15.38 -12.26
C THR C 129 2.69 -15.16 -12.94
N ILE C 130 1.77 -14.50 -12.24
CA ILE C 130 0.44 -14.18 -12.73
C ILE C 130 0.27 -12.67 -12.63
N ALA C 131 0.31 -11.99 -13.77
CA ALA C 131 0.26 -10.54 -13.82
C ALA C 131 -1.03 -10.07 -14.48
N TYR C 132 -1.64 -9.04 -13.90
CA TYR C 132 -2.85 -8.41 -14.45
C TYR C 132 -2.42 -7.12 -15.15
N ASN C 133 -2.33 -7.18 -16.47
CA ASN C 133 -1.78 -6.08 -17.25
C ASN C 133 -2.75 -4.90 -17.28
N THR C 134 -2.23 -3.76 -17.76
CA THR C 134 -3.04 -2.55 -17.84
C THR C 134 -4.06 -2.59 -18.97
N ASP C 135 -3.87 -3.47 -19.95
CA ASP C 135 -4.82 -3.65 -21.04
C ASP C 135 -5.99 -4.55 -20.65
N ASN C 136 -6.26 -4.69 -19.36
CA ASN C 136 -7.25 -5.61 -18.82
C ASN C 136 -6.99 -7.05 -19.24
N THR C 137 -5.75 -7.38 -19.57
CA THR C 137 -5.34 -8.74 -19.88
C THR C 137 -4.56 -9.33 -18.72
N VAL C 138 -4.60 -10.65 -18.61
CA VAL C 138 -3.90 -11.39 -17.57
C VAL C 138 -2.83 -12.24 -18.21
N GLY C 139 -1.61 -12.18 -17.69
CA GLY C 139 -0.48 -12.93 -18.20
C GLY C 139 0.00 -13.96 -17.19
N ILE C 140 0.15 -15.19 -17.67
CA ILE C 140 0.66 -16.30 -16.86
C ILE C 140 2.00 -16.71 -17.43
N GLU C 141 3.05 -16.64 -16.62
CA GLU C 141 4.41 -16.93 -17.04
C GLU C 141 5.01 -18.00 -16.16
N THR C 142 5.81 -18.88 -16.76
CA THR C 142 6.55 -19.90 -16.04
C THR C 142 8.03 -19.79 -16.41
N LYS C 143 8.89 -19.59 -15.42
CA LYS C 143 10.32 -19.55 -15.62
C LYS C 143 10.95 -20.80 -15.02
N VAL C 144 11.83 -21.44 -15.80
CA VAL C 144 12.58 -22.62 -15.34
C VAL C 144 14.05 -22.24 -15.33
N ALA C 145 14.65 -22.23 -14.14
CA ALA C 145 16.04 -21.84 -13.96
C ALA C 145 16.84 -23.03 -13.45
N TYR C 146 18.02 -23.22 -14.02
CA TYR C 146 18.90 -24.33 -13.63
C TYR C 146 20.02 -23.82 -12.72
N THR D 6 -14.89 8.82 28.09
CA THR D 6 -14.08 8.62 26.90
C THR D 6 -14.48 7.34 26.18
N LYS D 7 -14.70 7.44 24.88
CA LYS D 7 -15.05 6.27 24.07
C LYS D 7 -14.27 6.28 22.77
N PRO D 8 -13.49 5.24 22.49
CA PRO D 8 -12.79 5.16 21.21
C PRO D 8 -13.76 5.01 20.04
N TYR D 9 -13.30 5.44 18.87
CA TYR D 9 -14.12 5.35 17.67
C TYR D 9 -13.23 5.06 16.46
N VAL D 10 -13.85 4.50 15.44
CA VAL D 10 -13.21 4.24 14.15
C VAL D 10 -13.99 4.98 13.08
N LYS D 11 -13.29 5.68 12.21
CA LYS D 11 -13.92 6.46 11.14
C LYS D 11 -13.29 6.11 9.81
N VAL D 12 -14.13 5.89 8.80
CA VAL D 12 -13.69 5.58 7.45
C VAL D 12 -14.29 6.60 6.50
N ARG D 13 -13.44 7.26 5.72
CA ARG D 13 -13.85 8.31 4.79
C ARG D 13 -13.60 7.84 3.36
N TRP D 14 -14.60 8.06 2.50
CA TRP D 14 -14.51 7.71 1.10
C TRP D 14 -14.97 8.89 0.25
N ASN D 15 -14.27 9.14 -0.86
CA ASN D 15 -14.62 10.20 -1.78
C ASN D 15 -14.81 9.62 -3.17
N THR D 16 -15.52 10.39 -4.02
CA THR D 16 -15.84 9.91 -5.36
C THR D 16 -14.61 9.76 -6.25
N ASP D 17 -13.47 10.33 -5.86
CA ASP D 17 -12.22 10.06 -6.56
C ASP D 17 -11.54 8.79 -6.05
N ASN D 18 -12.29 7.96 -5.31
CA ASN D 18 -11.79 6.67 -4.82
C ASN D 18 -10.56 6.84 -3.93
N THR D 19 -10.61 7.82 -3.04
CA THR D 19 -9.60 8.02 -2.02
C THR D 19 -10.23 7.68 -0.67
N VAL D 20 -9.61 6.76 0.06
CA VAL D 20 -10.17 6.25 1.31
C VAL D 20 -9.19 6.54 2.45
N ALA D 21 -9.73 7.02 3.56
CA ALA D 21 -8.96 7.27 4.78
C ALA D 21 -9.63 6.59 5.95
N VAL D 22 -8.83 5.94 6.80
CA VAL D 22 -9.31 5.27 7.99
C VAL D 22 -8.61 5.89 9.20
N ALA D 23 -9.39 6.33 10.18
CA ALA D 23 -8.87 7.02 11.35
C ALA D 23 -9.35 6.34 12.61
N PHE D 24 -8.49 6.30 13.62
CA PHE D 24 -8.81 5.77 14.94
C PHE D 24 -8.55 6.85 15.97
N GLY D 25 -9.53 7.07 16.86
CA GLY D 25 -9.39 8.09 17.87
C GLY D 25 -10.32 7.87 19.03
N ALA D 26 -10.30 8.81 19.96
CA ALA D 26 -11.13 8.76 21.15
C ALA D 26 -11.73 10.13 21.41
N GLU D 27 -13.00 10.14 21.83
CA GLU D 27 -13.70 11.38 22.15
C GLU D 27 -14.25 11.30 23.57
N THR D 28 -14.39 12.46 24.19
CA THR D 28 -14.91 12.58 25.55
C THR D 28 -15.97 13.69 25.55
N ASP D 29 -17.22 13.30 25.38
CA ASP D 29 -18.34 14.23 25.35
C ASP D 29 -19.09 14.20 26.68
N TYR D 30 -19.32 15.38 27.26
CA TYR D 30 -20.06 15.51 28.49
C TYR D 30 -20.97 16.73 28.41
N LYS D 31 -22.10 16.65 29.09
CA LYS D 31 -23.07 17.75 29.11
C LYS D 31 -22.72 18.69 30.24
N LEU D 32 -22.15 19.85 29.90
CA LEU D 32 -21.90 20.87 30.91
C LEU D 32 -23.20 21.39 31.49
N ALA D 33 -24.27 21.39 30.70
CA ALA D 33 -25.58 21.84 31.11
C ALA D 33 -26.62 21.00 30.37
N PRO D 34 -27.84 20.90 30.89
CA PRO D 34 -28.85 20.07 30.22
C PRO D 34 -29.16 20.50 28.80
N TYR D 35 -28.89 21.76 28.44
CA TYR D 35 -29.10 22.25 27.08
C TYR D 35 -27.79 22.52 26.34
N LEU D 36 -26.66 22.18 26.94
CA LEU D 36 -25.34 22.45 26.35
C LEU D 36 -24.48 21.21 26.51
N LYS D 37 -24.18 20.54 25.40
CA LYS D 37 -23.30 19.40 25.38
C LYS D 37 -22.01 19.77 24.65
N THR D 38 -20.88 19.30 25.18
CA THR D 38 -19.58 19.62 24.61
C THR D 38 -18.67 18.40 24.69
N GLY D 39 -17.57 18.46 23.96
CA GLY D 39 -16.63 17.35 23.95
C GLY D 39 -15.44 17.67 23.07
N VAL D 40 -14.36 16.94 23.33
CA VAL D 40 -13.10 17.07 22.58
C VAL D 40 -12.74 15.71 22.03
N ALA D 41 -12.38 15.67 20.75
CA ALA D 41 -12.03 14.42 20.07
C ALA D 41 -10.68 14.55 19.41
N THR D 42 -9.85 13.53 19.57
CA THR D 42 -8.55 13.43 18.91
C THR D 42 -8.48 12.15 18.12
N GLU D 43 -7.83 12.19 16.96
CA GLU D 43 -7.78 11.04 16.08
C GLU D 43 -6.48 11.03 15.30
N THR D 44 -6.09 9.83 14.86
CA THR D 44 -4.94 9.62 13.98
C THR D 44 -5.43 8.98 12.70
N GLU D 45 -5.21 9.65 11.57
CA GLU D 45 -5.80 9.28 10.30
C GLU D 45 -4.73 8.67 9.38
N TYR D 46 -5.08 7.56 8.74
CA TYR D 46 -4.23 6.88 7.78
C TYR D 46 -4.90 6.98 6.41
N ASN D 47 -4.37 7.86 5.55
CA ASN D 47 -5.04 8.15 4.29
C ASN D 47 -4.19 7.75 3.08
N ASN D 48 -4.53 8.29 1.91
CA ASN D 48 -3.81 8.01 0.68
C ASN D 48 -2.56 8.90 0.58
N SER D 49 -1.68 8.72 1.55
CA SER D 49 -0.43 9.48 1.61
C SER D 49 0.65 8.61 2.22
N SER D 50 1.90 9.03 2.01
CA SER D 50 3.03 8.26 2.53
C SER D 50 3.13 8.37 4.05
N LEU D 51 2.84 9.55 4.59
CA LEU D 51 2.92 9.80 6.02
C LEU D 51 1.53 10.13 6.57
N VAL D 52 1.28 9.71 7.80
CA VAL D 52 -0.03 9.87 8.42
C VAL D 52 -0.03 11.11 9.29
N LYS D 53 -1.23 11.61 9.60
CA LYS D 53 -1.39 12.83 10.36
C LYS D 53 -2.41 12.61 11.48
N THR D 54 -2.43 13.55 12.42
CA THR D 54 -3.34 13.52 13.55
C THR D 54 -4.22 14.76 13.53
N GLY D 55 -5.29 14.72 14.29
CA GLY D 55 -6.23 15.84 14.35
C GLY D 55 -6.97 15.86 15.66
N THR D 56 -7.28 17.08 16.12
CA THR D 56 -8.04 17.30 17.34
C THR D 56 -9.18 18.26 17.06
N GLU D 57 -10.39 17.88 17.45
CA GLU D 57 -11.56 18.71 17.19
C GLU D 57 -12.33 18.94 18.48
N VAL D 58 -13.04 20.08 18.52
CA VAL D 58 -13.89 20.45 19.64
C VAL D 58 -15.32 20.59 19.12
N LYS D 59 -16.24 19.87 19.75
CA LYS D 59 -17.64 19.84 19.33
C LYS D 59 -18.52 20.33 20.46
N THR D 60 -19.45 21.22 20.14
CA THR D 60 -20.43 21.73 21.09
C THR D 60 -21.83 21.58 20.51
N ALA D 61 -22.82 21.44 21.39
CA ALA D 61 -24.20 21.26 20.98
C ALA D 61 -25.12 22.04 21.92
N TYR D 62 -26.04 22.81 21.34
CA TYR D 62 -26.97 23.64 22.09
C TYR D 62 -28.39 23.28 21.70
N ARG D 63 -29.25 23.09 22.70
CA ARG D 63 -30.65 22.77 22.44
C ARG D 63 -31.36 23.97 21.80
N LEU D 64 -31.93 23.75 20.61
CA LEU D 64 -32.65 24.79 19.91
C LEU D 64 -34.16 24.71 20.06
N GLY D 65 -34.69 23.52 20.38
CA GLY D 65 -36.12 23.35 20.52
C GLY D 65 -36.46 22.01 21.13
N PRO D 66 -37.71 21.57 20.96
CA PRO D 66 -38.10 20.26 21.51
C PRO D 66 -37.33 19.11 20.89
N ASN D 67 -37.02 19.18 19.60
CA ASN D 67 -36.28 18.13 18.92
C ASN D 67 -35.07 18.64 18.15
N ALA D 68 -34.78 19.93 18.21
CA ALA D 68 -33.70 20.53 17.44
C ALA D 68 -32.52 20.88 18.35
N ALA D 69 -31.34 20.94 17.75
CA ALA D 69 -30.13 21.30 18.47
C ALA D 69 -29.08 21.77 17.48
N LEU D 70 -28.40 22.87 17.82
CA LEU D 70 -27.32 23.41 17.01
C LEU D 70 -26.01 22.76 17.40
N GLU D 71 -25.29 22.23 16.41
CA GLU D 71 -24.01 21.56 16.65
C GLU D 71 -22.91 22.29 15.89
N THR D 72 -21.84 22.63 16.60
CA THR D 72 -20.69 23.31 16.02
C THR D 72 -19.44 22.46 16.23
N VAL D 73 -18.55 22.45 15.24
CA VAL D 73 -17.33 21.66 15.29
C VAL D 73 -16.16 22.56 14.89
N VAL D 74 -15.10 22.53 15.69
CA VAL D 74 -13.86 23.24 15.41
C VAL D 74 -12.74 22.22 15.32
N ARG D 75 -12.14 22.07 14.15
CA ARG D 75 -11.21 20.99 13.85
C ARG D 75 -9.86 21.56 13.42
N TYR D 76 -8.82 21.21 14.16
CA TYR D 76 -7.45 21.57 13.83
C TYR D 76 -6.61 20.30 13.75
N ASN D 77 -5.65 20.30 12.83
CA ASN D 77 -4.81 19.14 12.58
C ASN D 77 -3.34 19.54 12.61
N THR D 78 -2.47 18.55 12.79
CA THR D 78 -1.03 18.80 12.67
C THR D 78 -0.64 19.20 11.25
N ASP D 79 -1.47 18.88 10.26
CA ASP D 79 -1.31 19.37 8.89
C ASP D 79 -1.53 20.87 8.79
N ASN D 80 -1.91 21.52 9.89
CA ASN D 80 -2.34 22.91 9.92
C ASN D 80 -3.59 23.16 9.09
N THR D 81 -4.23 22.11 8.58
CA THR D 81 -5.51 22.24 7.91
C THR D 81 -6.61 22.41 8.95
N PHE D 82 -7.39 23.49 8.81
CA PHE D 82 -8.40 23.84 9.79
C PHE D 82 -9.78 23.75 9.17
N GLY D 83 -10.76 23.36 9.99
CA GLY D 83 -12.12 23.17 9.51
C GLY D 83 -13.13 23.70 10.51
N VAL D 84 -14.32 23.98 9.99
CA VAL D 84 -15.42 24.53 10.77
C VAL D 84 -16.72 23.91 10.26
N GLU D 85 -17.60 23.53 11.18
CA GLU D 85 -18.89 22.95 10.82
C GLU D 85 -19.99 23.54 11.69
N VAL D 86 -21.17 23.73 11.10
CA VAL D 86 -22.36 24.18 11.79
C VAL D 86 -23.54 23.38 11.26
N ALA D 87 -24.30 22.75 12.16
CA ALA D 87 -25.42 21.92 11.76
C ALA D 87 -26.56 22.08 12.76
N ILE D 88 -27.78 21.86 12.28
CA ILE D 88 -28.98 21.81 13.11
C ILE D 88 -29.40 20.35 13.18
N GLU D 89 -29.32 19.76 14.36
CA GLU D 89 -29.61 18.35 14.56
C GLU D 89 -31.08 18.16 14.91
N TYR D 90 -31.82 17.49 14.03
CA TYR D 90 -33.22 17.16 14.26
C TYR D 90 -33.33 15.73 14.76
N ARG D 91 -34.04 15.54 15.86
CA ARG D 91 -34.27 14.21 16.43
C ARG D 91 -35.62 13.71 15.95
N LEU D 92 -35.58 12.74 15.02
CA LEU D 92 -36.81 12.18 14.48
C LEU D 92 -37.29 10.96 15.26
N GLU D 93 -36.37 10.24 15.89
CA GLU D 93 -36.65 9.03 16.65
C GLU D 93 -35.71 9.01 17.84
N PRO D 94 -36.11 8.36 18.96
CA PRO D 94 -35.21 8.25 20.12
C PRO D 94 -33.82 7.72 19.78
N ASP D 95 -33.70 6.97 18.67
CA ASP D 95 -32.42 6.43 18.23
C ASP D 95 -32.05 6.88 16.83
N LEU D 96 -32.57 8.02 16.37
CA LEU D 96 -32.28 8.49 15.03
C LEU D 96 -32.30 10.01 15.00
N SER D 97 -31.22 10.61 14.49
CA SER D 97 -31.15 12.05 14.30
C SER D 97 -30.48 12.33 12.96
N VAL D 98 -30.97 13.37 12.27
CA VAL D 98 -30.42 13.80 11.00
C VAL D 98 -30.12 15.30 11.09
N ALA D 99 -28.96 15.71 10.59
CA ALA D 99 -28.49 17.07 10.74
C ALA D 99 -27.88 17.58 9.43
N PRO D 100 -28.61 18.40 8.68
CA PRO D 100 -27.99 19.11 7.56
C PRO D 100 -27.10 20.24 8.07
N GLY D 101 -25.87 20.31 7.56
CA GLY D 101 -24.93 21.29 8.03
C GLY D 101 -24.09 21.86 6.89
N THR D 102 -23.28 22.85 7.24
CA THR D 102 -22.35 23.48 6.32
C THR D 102 -20.93 23.36 6.88
N ARG D 103 -19.98 23.09 5.98
CA ARG D 103 -18.59 22.89 6.37
C ARG D 103 -17.71 23.92 5.66
N TRP D 104 -16.77 24.48 6.41
CA TRP D 104 -15.80 25.44 5.88
C TRP D 104 -14.40 24.94 6.24
N ASN D 105 -13.53 24.88 5.24
CA ASN D 105 -12.16 24.43 5.43
C ASN D 105 -11.19 25.57 5.18
N ASN D 106 -9.99 25.44 5.78
CA ASN D 106 -8.97 26.48 5.65
C ASN D 106 -8.46 26.61 4.22
N SER D 107 -8.58 25.56 3.40
CA SER D 107 -8.16 25.59 2.01
C SER D 107 -9.24 26.11 1.08
N SER D 108 -10.14 26.97 1.58
CA SER D 108 -11.25 27.52 0.81
C SER D 108 -12.15 26.42 0.26
N LEU D 109 -12.22 25.28 0.95
CA LEU D 109 -13.07 24.16 0.56
C LEU D 109 -14.36 24.23 1.37
N LEU D 110 -15.46 24.53 0.70
CA LEU D 110 -16.77 24.58 1.33
C LEU D 110 -17.57 23.34 0.95
N ALA D 111 -18.51 22.97 1.83
CA ALA D 111 -19.30 21.76 1.59
C ALA D 111 -20.54 21.71 2.48
N PRO D 112 -21.73 21.72 1.90
CA PRO D 112 -22.92 21.35 2.67
C PRO D 112 -22.98 19.85 2.88
N TYR D 113 -23.26 19.44 4.11
CA TYR D 113 -23.28 18.03 4.47
C TYR D 113 -24.58 17.70 5.19
N ILE D 114 -24.77 16.40 5.44
CA ILE D 114 -25.92 15.90 6.18
C ILE D 114 -25.44 14.75 7.06
N LYS D 115 -25.54 14.93 8.38
CA LYS D 115 -25.18 13.88 9.32
C LYS D 115 -26.39 13.03 9.65
N ILE D 116 -26.16 11.72 9.78
CA ILE D 116 -27.21 10.76 10.12
C ILE D 116 -26.68 9.93 11.29
N LYS D 117 -27.17 10.23 12.50
CA LYS D 117 -26.75 9.52 13.69
C LYS D 117 -27.82 8.51 14.08
N TYR D 118 -27.43 7.24 14.18
CA TYR D 118 -28.35 6.18 14.58
C TYR D 118 -27.63 5.22 15.52
N LYS D 119 -28.39 4.63 16.43
CA LYS D 119 -27.87 3.69 17.41
C LYS D 119 -28.24 2.27 16.97
N LEU D 120 -27.25 1.52 16.49
CA LEU D 120 -27.51 0.17 16.00
C LEU D 120 -27.85 -0.78 17.14
N GLY D 121 -27.05 -0.77 18.20
CA GLY D 121 -27.24 -1.68 19.30
C GLY D 121 -27.19 -1.01 20.66
N PRO D 122 -26.90 -1.81 21.70
CA PRO D 122 -26.87 -1.23 23.05
C PRO D 122 -25.74 -0.24 23.25
N ASP D 123 -24.54 -0.54 22.75
CA ASP D 123 -23.38 0.33 22.93
C ASP D 123 -22.75 0.73 21.60
N LEU D 124 -23.51 0.70 20.52
CA LEU D 124 -22.98 0.98 19.18
C LEU D 124 -23.58 2.28 18.68
N ASP D 125 -22.76 3.33 18.64
CA ASP D 125 -23.14 4.63 18.08
C ASP D 125 -22.43 4.79 16.76
N VAL D 126 -23.18 4.99 15.68
CA VAL D 126 -22.63 5.16 14.35
C VAL D 126 -23.17 6.45 13.76
N VAL D 127 -22.29 7.25 13.16
CA VAL D 127 -22.65 8.52 12.55
C VAL D 127 -22.22 8.48 11.09
N THR D 128 -23.15 8.79 10.19
CA THR D 128 -22.90 8.81 8.75
C THR D 128 -22.99 10.25 8.26
N THR D 129 -21.89 10.75 7.71
CA THR D 129 -21.83 12.11 7.19
C THR D 129 -21.59 12.04 5.68
N ILE D 130 -22.44 12.72 4.91
CA ILE D 130 -22.33 12.77 3.47
C ILE D 130 -22.12 14.24 3.08
N ALA D 131 -20.92 14.57 2.63
CA ALA D 131 -20.53 15.93 2.31
C ALA D 131 -20.45 16.11 0.80
N TYR D 132 -21.07 17.17 0.30
CA TYR D 132 -21.09 17.51 -1.13
C TYR D 132 -20.17 18.71 -1.31
N ASN D 133 -18.90 18.43 -1.60
CA ASN D 133 -17.87 19.45 -1.59
C ASN D 133 -17.88 20.27 -2.87
N THR D 134 -17.16 21.39 -2.84
CA THR D 134 -17.08 22.31 -3.96
C THR D 134 -15.99 21.95 -4.95
N ASP D 135 -15.20 20.92 -4.68
CA ASP D 135 -14.24 20.39 -5.65
C ASP D 135 -14.85 19.30 -6.52
N ASN D 136 -16.18 19.28 -6.64
CA ASN D 136 -16.91 18.31 -7.48
C ASN D 136 -16.69 16.88 -7.01
N THR D 137 -16.56 16.68 -5.70
CA THR D 137 -16.43 15.36 -5.11
C THR D 137 -17.40 15.22 -3.95
N VAL D 138 -17.79 13.98 -3.66
CA VAL D 138 -18.68 13.66 -2.55
C VAL D 138 -17.91 12.84 -1.54
N GLY D 139 -17.91 13.28 -0.29
CA GLY D 139 -17.28 12.55 0.80
C GLY D 139 -18.33 11.87 1.66
N ILE D 140 -18.10 10.59 1.95
CA ILE D 140 -18.99 9.80 2.78
C ILE D 140 -18.17 9.26 3.95
N GLU D 141 -18.50 9.70 5.16
CA GLU D 141 -17.79 9.31 6.37
C GLU D 141 -18.72 8.55 7.28
N THR D 142 -18.30 7.36 7.70
CA THR D 142 -19.03 6.55 8.66
C THR D 142 -18.14 6.34 9.88
N LYS D 143 -18.64 6.72 11.05
CA LYS D 143 -17.88 6.67 12.30
C LYS D 143 -18.63 5.81 13.30
N VAL D 144 -17.97 4.78 13.82
CA VAL D 144 -18.56 3.85 14.78
C VAL D 144 -17.82 4.00 16.10
N ALA D 145 -18.58 4.18 17.18
CA ALA D 145 -18.01 4.39 18.51
C ALA D 145 -18.64 3.41 19.50
N TYR D 146 -17.99 3.28 20.65
CA TYR D 146 -18.46 2.39 21.70
C TYR D 146 -19.15 3.18 22.82
#